data_1XBH
#
_entry.id   1XBH
#
_cell.length_a   1.000
_cell.length_b   1.000
_cell.length_c   1.000
_cell.angle_alpha   90.00
_cell.angle_beta   90.00
_cell.angle_gamma   90.00
#
_symmetry.space_group_name_H-M   'P 1'
#
_entity_poly.entity_id   1
_entity_poly.type   'polypeptide(L)'
_entity_poly.pdbx_seq_one_letter_code
;CIYYKDGEALKY(DCY)
;
_entity_poly.pdbx_strand_id   A
#
# COMPACT_ATOMS: atom_id res chain seq x y z
N CYS A 1 3.02 -10.96 -1.42
CA CYS A 1 3.30 -10.10 -0.28
C CYS A 1 2.52 -8.80 -0.46
N ILE A 2 2.45 -8.04 0.62
CA ILE A 2 1.74 -6.77 0.59
C ILE A 2 2.55 -5.75 -0.21
N TYR A 3 1.87 -4.68 -0.58
CA TYR A 3 2.52 -3.63 -1.37
C TYR A 3 1.54 -2.49 -1.66
N TYR A 4 0.67 -2.24 -0.70
CA TYR A 4 -0.32 -1.19 -0.84
C TYR A 4 0.29 0.06 -1.47
N LYS A 5 -0.57 0.88 -2.06
CA LYS A 5 -0.12 2.10 -2.70
C LYS A 5 -1.34 2.86 -3.24
N ASP A 6 -2.12 3.39 -2.31
CA ASP A 6 -3.31 4.14 -2.67
C ASP A 6 -4.09 4.49 -1.41
N GLY A 7 -5.17 5.23 -1.59
CA GLY A 7 -6.01 5.63 -0.48
C GLY A 7 -5.21 6.45 0.54
N GLU A 8 -4.61 7.52 0.05
CA GLU A 8 -3.81 8.39 0.92
C GLU A 8 -3.03 7.55 1.92
N ALA A 9 -2.61 6.37 1.47
CA ALA A 9 -1.85 5.47 2.32
C ALA A 9 -1.13 4.43 1.45
N LEU A 10 -0.26 3.68 2.08
CA LEU A 10 0.51 2.66 1.38
C LEU A 10 1.10 1.68 2.40
N LYS A 11 1.58 0.56 1.87
CA LYS A 11 2.18 -0.46 2.72
C LYS A 11 2.84 -1.52 1.85
N TYR A 12 3.66 -2.34 2.49
CA TYR A 12 4.37 -3.39 1.79
C TYR A 12 4.97 -4.40 2.76
N CYS A 1 5.83 -10.35 -1.76
CA CYS A 1 6.28 -8.98 -1.96
C CYS A 1 5.26 -8.04 -1.30
N ILE A 2 4.14 -7.86 -1.98
CA ILE A 2 3.09 -7.00 -1.48
C ILE A 2 3.62 -5.57 -1.33
N TYR A 3 2.76 -4.61 -1.65
CA TYR A 3 3.13 -3.22 -1.56
C TYR A 3 1.89 -2.31 -1.55
N TYR A 4 1.16 -2.39 -0.45
CA TYR A 4 -0.05 -1.60 -0.30
C TYR A 4 0.10 -0.23 -0.99
N LYS A 5 -0.98 0.20 -1.63
CA LYS A 5 -0.98 1.48 -2.32
C LYS A 5 -2.42 1.89 -2.63
N ASP A 6 -3.03 2.56 -1.65
CA ASP A 6 -4.40 3.01 -1.82
C ASP A 6 -4.67 4.13 -0.81
N GLY A 7 -5.78 4.82 -1.04
CA GLY A 7 -6.17 5.92 -0.16
C GLY A 7 -4.97 6.79 0.18
N GLU A 8 -4.36 7.34 -0.85
CA GLU A 8 -3.19 8.20 -0.68
C GLU A 8 -2.28 7.62 0.41
N ALA A 9 -2.02 6.33 0.30
CA ALA A 9 -1.17 5.66 1.26
C ALA A 9 -0.44 4.50 0.56
N LEU A 10 0.54 3.95 1.27
CA LEU A 10 1.32 2.85 0.72
C LEU A 10 1.95 2.07 1.88
N LYS A 11 2.42 0.87 1.56
CA LYS A 11 3.05 0.02 2.55
C LYS A 11 3.55 -1.26 1.88
N TYR A 12 4.38 -1.99 2.60
CA TYR A 12 4.94 -3.24 2.09
C TYR A 12 5.71 -3.00 0.79
N CYS A 1 6.45 -9.20 -5.55
CA CYS A 1 6.59 -8.24 -4.46
C CYS A 1 5.21 -7.65 -4.16
N ILE A 2 4.95 -7.46 -2.87
CA ILE A 2 3.68 -6.90 -2.44
C ILE A 2 3.91 -5.49 -1.91
N TYR A 3 3.00 -4.59 -2.28
CA TYR A 3 3.09 -3.21 -1.84
C TYR A 3 1.74 -2.50 -2.01
N TYR A 4 0.82 -2.83 -1.11
CA TYR A 4 -0.50 -2.22 -1.14
C TYR A 4 -0.41 -0.70 -1.20
N LYS A 5 -1.36 -0.10 -1.91
CA LYS A 5 -1.40 1.33 -2.04
C LYS A 5 -2.83 1.78 -2.36
N ASP A 6 -3.23 2.88 -1.75
CA ASP A 6 -4.56 3.42 -1.96
C ASP A 6 -4.80 4.57 -0.99
N GLY A 7 -5.61 5.52 -1.44
CA GLY A 7 -5.93 6.68 -0.62
C GLY A 7 -4.70 7.17 0.14
N GLU A 8 -3.72 7.66 -0.61
CA GLU A 8 -2.49 8.15 -0.02
C GLU A 8 -2.07 7.26 1.15
N ALA A 9 -2.09 5.96 0.90
CA ALA A 9 -1.72 4.99 1.92
C ALA A 9 -1.23 3.71 1.23
N LEU A 10 -0.02 3.30 1.59
CA LEU A 10 0.57 2.10 1.04
C LEU A 10 1.34 1.36 2.12
N LYS A 11 1.76 0.15 1.78
CA LYS A 11 2.52 -0.67 2.72
C LYS A 11 3.15 -1.85 1.97
N TYR A 12 4.24 -2.35 2.53
CA TYR A 12 4.94 -3.46 1.93
C TYR A 12 5.63 -3.05 0.64
N CYS A 1 6.60 -9.01 -5.65
CA CYS A 1 6.72 -8.09 -4.54
C CYS A 1 5.33 -7.52 -4.25
N ILE A 2 5.04 -7.37 -2.96
CA ILE A 2 3.75 -6.84 -2.54
C ILE A 2 3.95 -5.45 -1.96
N TYR A 3 3.06 -4.54 -2.33
CA TYR A 3 3.13 -3.18 -1.85
C TYR A 3 1.78 -2.47 -2.01
N TYR A 4 0.87 -2.80 -1.11
CA TYR A 4 -0.46 -2.22 -1.15
C TYR A 4 -0.38 -0.68 -1.20
N LYS A 5 -1.37 -0.10 -1.89
CA LYS A 5 -1.42 1.34 -2.02
C LYS A 5 -2.85 1.77 -2.32
N ASP A 6 -3.27 2.83 -1.65
CA ASP A 6 -4.62 3.35 -1.84
C ASP A 6 -4.82 4.56 -0.92
N GLY A 7 -5.61 5.51 -1.41
CA GLY A 7 -5.90 6.71 -0.65
C GLY A 7 -4.65 7.19 0.10
N GLU A 8 -3.67 7.63 -0.68
CA GLU A 8 -2.43 8.11 -0.09
C GLU A 8 -2.01 7.24 1.09
N ALA A 9 -2.05 5.94 0.86
CA ALA A 9 -1.69 4.98 1.90
C ALA A 9 -1.23 3.67 1.25
N LEU A 10 0.00 3.30 1.56
CA LEU A 10 0.58 2.08 1.01
C LEU A 10 1.36 1.36 2.10
N LYS A 11 1.78 0.14 1.78
CA LYS A 11 2.53 -0.66 2.72
C LYS A 11 3.15 -1.86 1.99
N TYR A 12 4.22 -2.37 2.56
CA TYR A 12 4.93 -3.50 1.98
C TYR A 12 5.65 -3.09 0.69
N CYS A 1 2.63 -11.50 -0.21
CA CYS A 1 3.29 -10.37 0.42
C CYS A 1 2.30 -9.19 0.44
N ILE A 2 2.83 -8.03 0.80
CA ILE A 2 2.03 -6.83 0.87
C ILE A 2 2.65 -5.74 -0.01
N TYR A 3 1.79 -4.90 -0.57
CA TYR A 3 2.25 -3.82 -1.42
C TYR A 3 1.15 -2.76 -1.61
N TYR A 4 0.27 -2.69 -0.61
CA TYR A 4 -0.82 -1.74 -0.65
C TYR A 4 -0.33 -0.36 -1.11
N LYS A 5 -0.83 0.06 -2.27
CA LYS A 5 -0.46 1.35 -2.82
C LYS A 5 -1.72 2.10 -3.25
N ASP A 6 -2.32 2.77 -2.28
CA ASP A 6 -3.53 3.54 -2.54
C ASP A 6 -4.14 3.97 -1.20
N GLY A 7 -5.36 4.48 -1.30
CA GLY A 7 -6.07 4.94 -0.11
C GLY A 7 -5.18 5.85 0.75
N GLU A 8 -4.66 6.88 0.11
CA GLU A 8 -3.79 7.82 0.80
C GLU A 8 -2.90 7.09 1.80
N ALA A 9 -2.55 5.87 1.44
CA ALA A 9 -1.70 5.05 2.31
C ALA A 9 -0.80 4.18 1.42
N LEU A 10 0.19 3.58 2.07
CA LEU A 10 1.13 2.72 1.38
C LEU A 10 1.72 1.70 2.36
N LYS A 11 1.74 0.45 1.92
CA LYS A 11 2.27 -0.62 2.75
C LYS A 11 2.82 -1.73 1.85
N TYR A 12 3.98 -2.25 2.24
CA TYR A 12 4.62 -3.30 1.48
C TYR A 12 5.23 -4.35 2.41
N CYS A 1 4.66 -10.19 -1.61
CA CYS A 1 4.27 -10.35 -0.21
C CYS A 1 3.51 -9.09 0.22
N ILE A 2 2.32 -8.93 -0.35
CA ILE A 2 1.49 -7.78 -0.03
C ILE A 2 2.27 -6.49 -0.32
N TYR A 3 1.52 -5.44 -0.62
CA TYR A 3 2.13 -4.15 -0.92
C TYR A 3 1.07 -3.13 -1.32
N TYR A 4 0.20 -2.82 -0.37
CA TYR A 4 -0.88 -1.87 -0.61
C TYR A 4 -0.32 -0.58 -1.23
N LYS A 5 -1.17 0.08 -2.00
CA LYS A 5 -0.78 1.32 -2.64
C LYS A 5 -2.01 2.01 -3.21
N ASP A 6 -2.74 2.68 -2.33
CA ASP A 6 -3.95 3.39 -2.72
C ASP A 6 -4.38 4.31 -1.59
N GLY A 7 -5.29 5.23 -1.92
CA GLY A 7 -5.79 6.17 -0.94
C GLY A 7 -4.68 6.65 -0.02
N GLU A 8 -3.64 7.21 -0.63
CA GLU A 8 -2.50 7.71 0.13
C GLU A 8 -2.11 6.71 1.23
N ALA A 9 -2.06 5.44 0.84
CA ALA A 9 -1.70 4.38 1.77
C ALA A 9 -0.90 3.31 1.03
N LEU A 10 -0.01 2.67 1.77
CA LEU A 10 0.82 1.62 1.20
C LEU A 10 1.57 0.90 2.33
N LYS A 11 1.84 -0.37 2.09
CA LYS A 11 2.55 -1.18 3.07
C LYS A 11 2.78 -2.57 2.50
N TYR A 12 3.99 -3.09 2.74
CA TYR A 12 4.34 -4.41 2.26
C TYR A 12 4.27 -5.44 3.38
N CYS A 1 0.04 -10.61 -1.32
CA CYS A 1 -0.26 -9.20 -1.18
C CYS A 1 1.05 -8.42 -1.32
N ILE A 2 0.96 -7.28 -1.99
CA ILE A 2 2.13 -6.44 -2.20
C ILE A 2 1.84 -5.04 -1.66
N TYR A 3 2.89 -4.25 -1.57
CA TYR A 3 2.77 -2.89 -1.07
C TYR A 3 1.34 -2.38 -1.22
N TYR A 4 0.55 -2.61 -0.17
CA TYR A 4 -0.84 -2.18 -0.17
C TYR A 4 -0.94 -0.67 -0.33
N LYS A 5 -0.89 -0.23 -1.58
CA LYS A 5 -0.98 1.20 -1.88
C LYS A 5 -2.45 1.57 -2.06
N ASP A 6 -2.87 2.56 -1.28
CA ASP A 6 -4.24 3.04 -1.34
C ASP A 6 -4.51 3.94 -0.14
N GLY A 7 -5.50 4.81 -0.30
CA GLY A 7 -5.88 5.73 0.75
C GLY A 7 -4.68 6.56 1.21
N GLU A 8 -4.05 7.23 0.25
CA GLU A 8 -2.89 8.05 0.53
C GLU A 8 -1.98 7.34 1.55
N ALA A 9 -1.84 6.04 1.37
CA ALA A 9 -1.01 5.24 2.26
C ALA A 9 -0.68 3.91 1.59
N LEU A 10 0.61 3.62 1.54
CA LEU A 10 1.07 2.38 0.92
C LEU A 10 2.06 1.70 1.86
N LYS A 11 1.84 0.41 2.07
CA LYS A 11 2.70 -0.37 2.94
C LYS A 11 2.63 -1.85 2.52
N TYR A 12 3.76 -2.52 2.69
CA TYR A 12 3.84 -3.93 2.34
C TYR A 12 2.59 -4.68 2.77
N CYS A 1 7.67 -7.66 -2.99
CA CYS A 1 7.10 -8.39 -1.87
C CYS A 1 5.83 -7.65 -1.41
N ILE A 2 4.88 -7.55 -2.32
CA ILE A 2 3.63 -6.87 -2.02
C ILE A 2 3.91 -5.42 -1.65
N TYR A 3 3.04 -4.54 -2.13
CA TYR A 3 3.18 -3.12 -1.86
C TYR A 3 1.82 -2.44 -1.81
N TYR A 4 1.02 -2.85 -0.84
CA TYR A 4 -0.31 -2.28 -0.67
C TYR A 4 -0.29 -0.76 -0.89
N LYS A 5 -1.39 -0.27 -1.42
CA LYS A 5 -1.52 1.16 -1.69
C LYS A 5 -3.00 1.52 -1.85
N ASP A 6 -3.43 2.50 -1.07
CA ASP A 6 -4.82 2.94 -1.13
C ASP A 6 -4.95 4.26 -0.38
N GLY A 7 -5.78 5.13 -0.93
CA GLY A 7 -6.01 6.43 -0.33
C GLY A 7 -4.72 7.25 -0.30
N GLU A 8 -3.83 6.95 -1.24
CA GLU A 8 -2.56 7.65 -1.33
C GLU A 8 -1.53 7.00 -0.41
N ALA A 9 -2.03 6.17 0.49
CA ALA A 9 -1.17 5.47 1.44
C ALA A 9 -0.54 4.26 0.74
N LEU A 10 0.56 3.78 1.34
CA LEU A 10 1.25 2.63 0.80
C LEU A 10 1.76 1.76 1.94
N LYS A 11 2.11 0.53 1.60
CA LYS A 11 2.62 -0.41 2.58
C LYS A 11 3.27 -1.59 1.87
N TYR A 12 4.32 -2.11 2.49
CA TYR A 12 5.04 -3.25 1.93
C TYR A 12 5.71 -2.87 0.61
N CYS A 1 1.72 -11.22 -2.02
CA CYS A 1 2.35 -10.36 -1.03
C CYS A 1 1.58 -9.03 -1.01
N ILE A 2 2.01 -8.16 -0.12
CA ILE A 2 1.38 -6.85 0.02
C ILE A 2 2.23 -5.80 -0.71
N TYR A 3 1.55 -4.76 -1.17
CA TYR A 3 2.22 -3.69 -1.89
C TYR A 3 1.32 -2.45 -2.00
N TYR A 4 0.48 -2.28 -0.99
CA TYR A 4 -0.43 -1.14 -0.95
C TYR A 4 0.23 0.11 -1.54
N LYS A 5 -0.60 0.95 -2.15
CA LYS A 5 -0.10 2.17 -2.74
C LYS A 5 -1.30 3.03 -3.17
N ASP A 6 -2.06 3.46 -2.17
CA ASP A 6 -3.23 4.28 -2.43
C ASP A 6 -3.98 4.50 -1.11
N GLY A 7 -5.07 5.25 -1.21
CA GLY A 7 -5.89 5.54 -0.04
C GLY A 7 -5.05 6.12 1.09
N GLU A 8 -4.31 7.17 0.76
CA GLU A 8 -3.46 7.83 1.73
C GLU A 8 -2.80 6.79 2.64
N ALA A 9 -2.32 5.72 2.02
CA ALA A 9 -1.66 4.66 2.75
C ALA A 9 -0.72 3.89 1.82
N LEU A 10 0.09 3.04 2.42
CA LEU A 10 1.04 2.24 1.65
C LEU A 10 1.53 1.08 2.51
N LYS A 11 1.98 0.04 1.83
CA LYS A 11 2.48 -1.15 2.51
C LYS A 11 3.03 -2.13 1.48
N TYR A 12 4.05 -2.87 1.90
CA TYR A 12 4.68 -3.85 1.02
C TYR A 12 5.18 -5.05 1.83
N CYS A 1 3.74 -10.80 -1.42
CA CYS A 1 3.96 -9.90 -0.29
C CYS A 1 3.13 -8.63 -0.53
N ILE A 2 2.88 -7.92 0.56
CA ILE A 2 2.11 -6.69 0.49
C ILE A 2 2.98 -5.58 -0.12
N TYR A 3 2.30 -4.55 -0.59
CA TYR A 3 2.99 -3.42 -1.20
C TYR A 3 2.02 -2.27 -1.49
N TYR A 4 1.00 -2.16 -0.63
CA TYR A 4 0.00 -1.12 -0.79
C TYR A 4 0.64 0.18 -1.28
N LYS A 5 -0.19 1.00 -1.92
CA LYS A 5 0.28 2.27 -2.45
C LYS A 5 -0.90 3.04 -3.02
N ASP A 6 -1.98 3.07 -2.26
CA ASP A 6 -3.18 3.77 -2.69
C ASP A 6 -3.94 4.27 -1.46
N GLY A 7 -5.06 4.92 -1.71
CA GLY A 7 -5.89 5.46 -0.64
C GLY A 7 -5.06 6.33 0.31
N GLU A 8 -4.42 7.34 -0.26
CA GLU A 8 -3.60 8.25 0.52
C GLU A 8 -2.83 7.47 1.59
N ALA A 9 -2.38 6.28 1.22
CA ALA A 9 -1.64 5.43 2.14
C ALA A 9 -0.92 4.35 1.35
N LEU A 10 -0.03 3.64 2.04
CA LEU A 10 0.73 2.57 1.41
C LEU A 10 1.23 1.62 2.50
N LYS A 11 1.76 0.48 2.05
CA LYS A 11 2.27 -0.52 2.96
C LYS A 11 3.01 -1.60 2.16
N TYR A 12 3.85 -2.34 2.87
CA TYR A 12 4.62 -3.40 2.24
C TYR A 12 5.20 -4.35 3.29
N CYS A 1 2.11 -11.44 -1.07
CA CYS A 1 2.93 -10.35 -0.58
C CYS A 1 2.10 -9.06 -0.66
N ILE A 2 2.20 -8.26 0.39
CA ILE A 2 1.48 -7.00 0.45
C ILE A 2 2.20 -5.96 -0.41
N TYR A 3 1.41 -5.02 -0.91
CA TYR A 3 1.95 -3.97 -1.75
C TYR A 3 1.00 -2.77 -1.82
N TYR A 4 0.20 -2.64 -0.77
CA TYR A 4 -0.76 -1.55 -0.70
C TYR A 4 -0.19 -0.27 -1.31
N LYS A 5 -0.86 0.21 -2.34
CA LYS A 5 -0.42 1.42 -3.01
C LYS A 5 -1.64 2.30 -3.33
N ASP A 6 -2.26 2.79 -2.27
CA ASP A 6 -3.43 3.63 -2.43
C ASP A 6 -3.98 4.00 -1.04
N GLY A 7 -5.14 4.65 -1.05
CA GLY A 7 -5.77 5.05 0.20
C GLY A 7 -4.81 5.89 1.05
N GLU A 8 -4.21 6.88 0.42
CA GLU A 8 -3.27 7.75 1.10
C GLU A 8 -2.42 6.95 2.09
N ALA A 9 -2.14 5.72 1.70
CA ALA A 9 -1.34 4.83 2.53
C ALA A 9 -0.62 3.81 1.64
N LEU A 10 0.37 3.16 2.22
CA LEU A 10 1.14 2.17 1.51
C LEU A 10 1.57 1.05 2.47
N LYS A 11 1.90 -0.09 1.89
CA LYS A 11 2.33 -1.23 2.69
C LYS A 11 2.77 -2.36 1.75
N TYR A 12 4.03 -2.76 1.91
CA TYR A 12 4.59 -3.81 1.10
C TYR A 12 5.00 -5.02 1.95
N CYS A 1 -2.79 -9.94 -1.14
CA CYS A 1 -2.08 -9.03 -0.26
C CYS A 1 -0.75 -8.65 -0.92
N ILE A 2 -0.57 -7.36 -1.12
CA ILE A 2 0.64 -6.86 -1.75
C ILE A 2 0.93 -5.45 -1.23
N TYR A 3 2.12 -4.97 -1.55
CA TYR A 3 2.53 -3.64 -1.12
C TYR A 3 1.42 -2.62 -1.37
N TYR A 4 0.52 -2.53 -0.40
CA TYR A 4 -0.59 -1.59 -0.51
C TYR A 4 -0.17 -0.31 -1.22
N LYS A 5 -1.01 0.12 -2.15
CA LYS A 5 -0.73 1.34 -2.90
C LYS A 5 -2.04 2.06 -3.18
N ASP A 6 -2.53 2.75 -2.16
CA ASP A 6 -3.77 3.50 -2.28
C ASP A 6 -4.21 3.98 -0.90
N GLY A 7 -5.48 4.33 -0.79
CA GLY A 7 -6.03 4.81 0.46
C GLY A 7 -5.02 5.67 1.21
N GLU A 8 -4.47 6.64 0.49
CA GLU A 8 -3.49 7.54 1.08
C GLU A 8 -2.58 6.78 2.05
N ALA A 9 -2.16 5.60 1.61
CA ALA A 9 -1.29 4.76 2.43
C ALA A 9 -0.63 3.70 1.54
N LEU A 10 0.57 3.32 1.93
CA LEU A 10 1.33 2.32 1.19
C LEU A 10 2.23 1.56 2.15
N LYS A 11 2.25 0.24 1.96
CA LYS A 11 3.06 -0.62 2.80
C LYS A 11 2.89 -2.07 2.36
N TYR A 12 3.73 -2.93 2.91
CA TYR A 12 3.67 -4.35 2.58
C TYR A 12 2.44 -5.00 3.21
N CYS A 1 2.39 -11.13 -0.44
CA CYS A 1 2.99 -10.17 0.47
C CYS A 1 2.10 -8.92 0.48
N ILE A 2 2.70 -7.82 0.94
CA ILE A 2 1.98 -6.55 1.01
C ILE A 2 2.70 -5.52 0.14
N TYR A 3 1.91 -4.60 -0.40
CA TYR A 3 2.46 -3.55 -1.25
C TYR A 3 1.39 -2.50 -1.57
N TYR A 4 0.48 -2.31 -0.62
CA TYR A 4 -0.58 -1.34 -0.79
C TYR A 4 -0.04 0.00 -1.28
N LYS A 5 -0.63 0.50 -2.35
CA LYS A 5 -0.22 1.77 -2.93
C LYS A 5 -1.45 2.51 -3.45
N ASP A 6 -2.22 3.04 -2.51
CA ASP A 6 -3.42 3.79 -2.87
C ASP A 6 -4.18 4.14 -1.59
N GLY A 7 -5.20 4.97 -1.77
CA GLY A 7 -6.02 5.39 -0.65
C GLY A 7 -5.18 6.11 0.41
N GLU A 8 -4.39 7.05 -0.06
CA GLU A 8 -3.52 7.83 0.82
C GLU A 8 -2.96 6.92 1.92
N ALA A 9 -2.64 5.70 1.54
CA ALA A 9 -2.09 4.73 2.47
C ALA A 9 -1.36 3.63 1.71
N LEU A 10 -0.25 3.20 2.27
CA LEU A 10 0.56 2.16 1.65
C LEU A 10 1.00 1.15 2.73
N LYS A 11 1.47 0.01 2.25
CA LYS A 11 1.93 -1.03 3.16
C LYS A 11 2.67 -2.10 2.35
N TYR A 12 3.82 -2.51 2.89
CA TYR A 12 4.64 -3.52 2.23
C TYR A 12 5.05 -4.62 3.22
N CYS A 1 -1.36 -8.44 2.46
CA CYS A 1 -0.84 -9.03 1.24
C CYS A 1 0.58 -8.52 1.02
N ILE A 2 0.71 -7.58 0.09
CA ILE A 2 2.00 -6.99 -0.21
C ILE A 2 1.87 -5.47 -0.27
N TYR A 3 3.02 -4.82 -0.32
CA TYR A 3 3.04 -3.36 -0.37
C TYR A 3 1.78 -2.81 -1.02
N TYR A 4 0.78 -2.56 -0.18
CA TYR A 4 -0.48 -2.04 -0.66
C TYR A 4 -0.34 -0.59 -1.14
N LYS A 5 -1.20 -0.22 -2.08
CA LYS A 5 -1.17 1.13 -2.62
C LYS A 5 -2.60 1.68 -2.69
N ASP A 6 -2.84 2.72 -1.90
CA ASP A 6 -4.15 3.33 -1.85
C ASP A 6 -4.22 4.29 -0.66
N GLY A 7 -5.39 4.89 -0.49
CA GLY A 7 -5.60 5.82 0.61
C GLY A 7 -4.36 6.70 0.82
N GLU A 8 -3.88 7.27 -0.27
CA GLU A 8 -2.72 8.13 -0.22
C GLU A 8 -1.69 7.57 0.77
N ALA A 9 -1.51 6.26 0.72
CA ALA A 9 -0.57 5.59 1.60
C ALA A 9 -0.26 4.19 1.04
N LEU A 10 0.81 3.61 1.57
CA LEU A 10 1.23 2.29 1.13
C LEU A 10 1.83 1.53 2.33
N LYS A 11 1.80 0.22 2.22
CA LYS A 11 2.34 -0.63 3.28
C LYS A 11 2.01 -2.09 2.97
N TYR A 12 2.98 -2.95 3.23
CA TYR A 12 2.80 -4.37 2.98
C TYR A 12 1.59 -4.91 3.74
N CYS A 1 -1.07 -11.09 0.14
CA CYS A 1 -1.08 -9.69 0.51
C CYS A 1 0.21 -9.05 -0.04
N ILE A 2 0.02 -8.08 -0.92
CA ILE A 2 1.15 -7.39 -1.52
C ILE A 2 1.17 -5.94 -1.04
N TYR A 3 2.25 -5.25 -1.37
CA TYR A 3 2.40 -3.86 -0.97
C TYR A 3 1.15 -3.05 -1.33
N TYR A 4 0.16 -3.15 -0.46
CA TYR A 4 -1.09 -2.44 -0.68
C TYR A 4 -0.83 -1.02 -1.20
N LYS A 5 -1.69 -0.59 -2.11
CA LYS A 5 -1.56 0.74 -2.68
C LYS A 5 -2.93 1.43 -2.67
N ASP A 6 -3.09 2.32 -1.71
CA ASP A 6 -4.33 3.07 -1.58
C ASP A 6 -4.29 3.91 -0.30
N GLY A 7 -5.39 4.61 -0.05
CA GLY A 7 -5.48 5.45 1.12
C GLY A 7 -4.31 6.44 1.19
N GLU A 8 -4.04 7.07 0.05
CA GLU A 8 -2.96 8.03 -0.03
C GLU A 8 -1.75 7.55 0.79
N ALA A 9 -1.50 6.25 0.71
CA ALA A 9 -0.39 5.65 1.43
C ALA A 9 -0.12 4.25 0.89
N LEU A 10 1.00 3.68 1.33
CA LEU A 10 1.37 2.35 0.89
C LEU A 10 1.92 1.57 2.08
N LYS A 11 1.89 0.25 1.96
CA LYS A 11 2.37 -0.62 3.02
C LYS A 11 2.38 -2.06 2.51
N TYR A 12 3.15 -2.89 3.20
CA TYR A 12 3.26 -4.29 2.85
C TYR A 12 1.99 -5.06 3.21
#